data_1UA1
#
_entry.id   1UA1
#
_cell.length_a   87.639
_cell.length_b   93.441
_cell.length_c   105.465
_cell.angle_alpha   90.00
_cell.angle_beta   90.00
_cell.angle_gamma   90.00
#
_symmetry.space_group_name_H-M   'P 21 21 21'
#
loop_
_entity.id
_entity.type
_entity.pdbx_description
1 polymer 'DNA primer strand'
2 polymer 'DNA template strand with aminofluorene adduct'
3 polymer 'DNA polymerase I'
4 non-polymer 2-AMINOFLUORENE
5 non-polymer 'SULFATE ION'
6 water water
#
loop_
_entity_poly.entity_id
_entity_poly.type
_entity_poly.pdbx_seq_one_letter_code
_entity_poly.pdbx_strand_id
1 'polydeoxyribonucleotide' (DA)(DG)(DG)(DG)(DA)(DT)(DG)(DG)(DT)(DG)(DC) B
2 'polydeoxyribonucleotide' (DC)(DA)(DT)(DG)(DC)(DA)(DC)(DC)(DA)(DT)(DC)(DC)(DC)(DT) C
3 'polypeptide(L)'
;AAMAFTLADRVTEEMLADKAALVVEVVEENYHDAPIVGIAVVNEHGRFFLRPETALADPQFVAWLGDETKKKSMFDSKRA
AVALKWKGIELCGVSFDLLLAAYLLDPAQGVDDVAAAAKMKQYEAVRPDEAVYGKGAKRAVPDEPVLAEHLVRKAAAIWE
LERPFLDELRRNEQDRLLVELEQPLSSILAEMEFAGVKVDTKRLEQMGKELAEQLGTVEQRIYELAGQEFNINSPKQLGV
ILFEKLQLPVLKKTKTGYSTSADVLEKLAPYHEIVENILHYRQLGKLQSTYIEGLLKVVRPDTKKVHTIFNQALTQTGRL
SSTEPNLQNIPIRLEEGRKIRQAFVPSESDWLIFAADYSQIELRVLAHIAEDDNLMEAFRRDLDIHTKTAMDIFQVSEDE
VTPNMRRQAKAVNFGIVYGISDYGLAQNLNISRKEAAEFIERYFESFPGVKRYMENIVQEAKQKGYVTTLLHRRRYLPDI
TSRNFNVRSFAERMAMNTPIQGSAADIIKKAMIDLNARLKEERLQAHLLLQVHDELILEAPKEEMERLCRLVPEVMEQAV
TLRVPLKVDYHYGSTWYDAK
;
A
#
loop_
_chem_comp.id
_chem_comp.type
_chem_comp.name
_chem_comp.formula
AF non-polymer 2-AMINOFLUORENE 'C13 H11 N'
DA DNA linking 2'-DEOXYADENOSINE-5'-MONOPHOSPHATE 'C10 H14 N5 O6 P'
DC DNA linking 2'-DEOXYCYTIDINE-5'-MONOPHOSPHATE 'C9 H14 N3 O7 P'
DG DNA linking 2'-DEOXYGUANOSINE-5'-MONOPHOSPHATE 'C10 H14 N5 O7 P'
DT DNA linking THYMIDINE-5'-MONOPHOSPHATE 'C10 H15 N2 O8 P'
SO4 non-polymer 'SULFATE ION' 'O4 S -2'
#
# COMPACT_ATOMS: atom_id res chain seq x y z
N ALA C 1 -14.31 -14.35 36.67
CA ALA C 1 -13.56 -13.82 35.49
C ALA C 1 -14.52 -13.27 34.43
N ALA C 2 -15.62 -13.99 34.19
CA ALA C 2 -16.60 -13.58 33.19
C ALA C 2 -16.92 -12.08 33.29
N MET C 3 -17.16 -11.47 32.13
CA MET C 3 -17.47 -10.05 32.08
C MET C 3 -18.98 -9.86 31.95
N ALA C 4 -19.53 -8.98 32.78
CA ALA C 4 -20.97 -8.73 32.77
C ALA C 4 -21.41 -7.89 31.58
N PHE C 5 -22.60 -8.20 31.06
CA PHE C 5 -23.16 -7.47 29.94
C PHE C 5 -24.59 -7.94 29.71
N THR C 6 -25.36 -7.10 29.03
CA THR C 6 -26.74 -7.43 28.74
C THR C 6 -26.89 -7.94 27.31
N LEU C 7 -27.42 -9.15 27.18
CA LEU C 7 -27.66 -9.74 25.87
C LEU C 7 -29.05 -9.18 25.55
N ALA C 8 -29.09 -8.00 24.93
CA ALA C 8 -30.34 -7.32 24.61
C ALA C 8 -31.14 -7.92 23.45
N ASP C 9 -32.46 -7.97 23.63
CA ASP C 9 -33.36 -8.48 22.60
C ASP C 9 -33.88 -7.31 21.77
N ARG C 10 -33.77 -6.12 22.33
CA ARG C 10 -34.21 -4.89 21.66
C ARG C 10 -33.27 -3.75 22.02
N VAL C 11 -33.28 -2.70 21.20
CA VAL C 11 -32.43 -1.53 21.43
C VAL C 11 -33.09 -0.57 22.41
N THR C 12 -32.30 -0.04 23.35
CA THR C 12 -32.80 0.91 24.33
C THR C 12 -32.05 2.23 24.24
N GLU C 13 -32.66 3.30 24.74
CA GLU C 13 -32.06 4.64 24.70
C GLU C 13 -30.71 4.65 25.43
N GLU C 14 -30.59 3.80 26.45
CA GLU C 14 -29.37 3.68 27.22
C GLU C 14 -28.19 3.28 26.33
N MET C 15 -28.50 2.56 25.25
CA MET C 15 -27.49 2.10 24.31
C MET C 15 -27.08 3.17 23.30
N LEU C 16 -27.82 4.28 23.31
CA LEU C 16 -27.54 5.35 22.36
C LEU C 16 -26.90 6.60 22.95
N ALA C 17 -26.03 6.41 23.94
CA ALA C 17 -25.33 7.53 24.58
C ALA C 17 -24.45 8.23 23.54
N ASP C 18 -24.06 9.47 23.80
CA ASP C 18 -23.25 10.23 22.85
C ASP C 18 -21.75 9.92 22.82
N LYS C 19 -21.34 8.91 23.57
CA LYS C 19 -19.94 8.48 23.63
C LYS C 19 -19.96 6.99 23.92
N ALA C 20 -19.27 6.21 23.10
CA ALA C 20 -19.27 4.77 23.32
C ALA C 20 -18.23 4.03 22.50
N ALA C 21 -17.87 2.86 22.98
CA ALA C 21 -16.96 1.96 22.27
C ALA C 21 -17.95 1.12 21.48
N LEU C 22 -17.75 1.03 20.16
CA LEU C 22 -18.64 0.29 19.30
C LEU C 22 -17.94 -0.82 18.52
N VAL C 23 -18.56 -1.99 18.49
CA VAL C 23 -18.05 -3.14 17.77
C VAL C 23 -19.12 -3.65 16.81
N VAL C 24 -18.82 -3.60 15.51
CA VAL C 24 -19.71 -4.09 14.46
C VAL C 24 -18.82 -5.15 13.80
N GLU C 25 -18.97 -6.39 14.25
CA GLU C 25 -18.15 -7.50 13.82
C GLU C 25 -18.37 -8.12 12.44
N VAL C 26 -17.33 -8.07 11.62
CA VAL C 26 -17.36 -8.67 10.29
C VAL C 26 -16.19 -9.64 10.31
N VAL C 27 -16.49 -10.94 10.41
CA VAL C 27 -15.45 -11.96 10.49
C VAL C 27 -14.74 -12.27 9.19
N GLU C 28 -15.48 -12.24 8.08
CA GLU C 28 -14.87 -12.49 6.76
C GLU C 28 -13.72 -11.53 6.56
N GLU C 29 -12.57 -12.01 6.09
CA GLU C 29 -11.42 -11.14 5.87
C GLU C 29 -11.72 -10.05 4.87
N ASN C 30 -12.39 -10.40 3.78
CA ASN C 30 -12.78 -9.43 2.77
C ASN C 30 -14.17 -9.01 3.23
N TYR C 31 -14.28 -7.79 3.76
CA TYR C 31 -15.57 -7.33 4.28
C TYR C 31 -16.59 -6.79 3.27
N HIS C 32 -16.28 -6.85 1.99
CA HIS C 32 -17.21 -6.35 0.98
C HIS C 32 -18.48 -7.20 0.87
N ASP C 33 -19.62 -6.57 1.12
CA ASP C 33 -20.92 -7.25 1.05
C ASP C 33 -20.92 -8.47 1.98
N ALA C 34 -20.14 -8.38 3.05
CA ALA C 34 -20.03 -9.48 4.02
C ALA C 34 -20.99 -9.33 5.18
N PRO C 35 -21.24 -10.43 5.90
CA PRO C 35 -22.14 -10.40 7.05
C PRO C 35 -21.56 -9.71 8.28
N ILE C 36 -22.46 -9.15 9.08
CA ILE C 36 -22.09 -8.54 10.34
C ILE C 36 -22.66 -9.58 11.29
N VAL C 37 -21.79 -10.26 12.02
CA VAL C 37 -22.24 -11.33 12.91
C VAL C 37 -22.74 -10.92 14.28
N GLY C 38 -22.45 -9.71 14.71
CA GLY C 38 -22.90 -9.27 16.02
C GLY C 38 -22.48 -7.85 16.30
N ILE C 39 -23.08 -7.25 17.32
CA ILE C 39 -22.78 -5.89 17.70
C ILE C 39 -22.60 -5.77 19.21
N ALA C 40 -21.62 -4.97 19.61
CA ALA C 40 -21.35 -4.74 21.03
C ALA C 40 -21.20 -3.26 21.26
N VAL C 41 -21.82 -2.78 22.34
CA VAL C 41 -21.76 -1.38 22.70
C VAL C 41 -21.39 -1.25 24.18
N VAL C 42 -20.39 -0.43 24.47
CA VAL C 42 -19.98 -0.20 25.85
C VAL C 42 -19.96 1.30 26.07
N ASN C 43 -20.68 1.76 27.08
CA ASN C 43 -20.72 3.17 27.41
C ASN C 43 -20.89 3.35 28.91
N GLU C 44 -21.10 4.59 29.33
CA GLU C 44 -21.26 4.93 30.73
C GLU C 44 -22.40 4.17 31.41
N HIS C 45 -23.36 3.69 30.61
CA HIS C 45 -24.50 2.96 31.16
C HIS C 45 -24.29 1.46 31.26
N GLY C 46 -23.19 0.96 30.69
CA GLY C 46 -22.92 -0.46 30.77
C GLY C 46 -22.45 -1.10 29.47
N ARG C 47 -22.49 -2.43 29.43
CA ARG C 47 -22.06 -3.20 28.27
C ARG C 47 -23.24 -3.94 27.67
N PHE C 48 -23.39 -3.84 26.34
CA PHE C 48 -24.50 -4.50 25.66
C PHE C 48 -24.11 -5.25 24.40
N PHE C 49 -24.81 -6.35 24.15
CA PHE C 49 -24.60 -7.14 22.94
C PHE C 49 -25.93 -7.10 22.19
N LEU C 50 -25.88 -6.82 20.89
CA LEU C 50 -27.07 -6.75 20.06
C LEU C 50 -26.94 -7.64 18.84
N ARG C 51 -28.01 -8.36 18.53
CA ARG C 51 -28.01 -9.22 17.35
C ARG C 51 -28.14 -8.23 16.19
N PRO C 52 -27.35 -8.43 15.12
CA PRO C 52 -27.40 -7.53 13.96
C PRO C 52 -28.77 -7.39 13.29
N GLU C 53 -29.45 -8.51 13.09
CA GLU C 53 -30.76 -8.48 12.44
C GLU C 53 -31.70 -7.52 13.18
N THR C 54 -31.52 -7.43 14.49
CA THR C 54 -32.35 -6.57 15.32
C THR C 54 -31.88 -5.11 15.31
N ALA C 55 -30.62 -4.90 15.67
CA ALA C 55 -30.04 -3.56 15.73
C ALA C 55 -30.12 -2.82 14.39
N LEU C 56 -29.66 -3.47 13.33
CA LEU C 56 -29.66 -2.83 12.02
C LEU C 56 -31.05 -2.58 11.42
N ALA C 57 -32.08 -3.16 12.04
CA ALA C 57 -33.44 -2.96 11.57
C ALA C 57 -34.14 -1.90 12.41
N ASP C 58 -33.49 -1.50 13.51
CA ASP C 58 -34.06 -0.49 14.40
C ASP C 58 -33.73 0.93 13.94
N PRO C 59 -34.77 1.72 13.66
CA PRO C 59 -34.61 3.11 13.21
C PRO C 59 -33.74 3.96 14.13
N GLN C 60 -33.95 3.83 15.44
CA GLN C 60 -33.19 4.59 16.41
C GLN C 60 -31.71 4.23 16.39
N PHE C 61 -31.40 2.93 16.33
CA PHE C 61 -30.02 2.49 16.31
C PHE C 61 -29.33 3.00 15.05
N VAL C 62 -29.97 2.80 13.91
CA VAL C 62 -29.43 3.26 12.64
C VAL C 62 -29.17 4.75 12.69
N ALA C 63 -30.11 5.50 13.26
CA ALA C 63 -29.95 6.94 13.37
C ALA C 63 -28.74 7.27 14.23
N TRP C 64 -28.59 6.54 15.34
CA TRP C 64 -27.46 6.76 16.23
C TRP C 64 -26.15 6.52 15.49
N LEU C 65 -26.13 5.48 14.66
CA LEU C 65 -24.95 5.14 13.87
C LEU C 65 -24.55 6.29 12.93
N GLY C 66 -25.55 6.91 12.31
CA GLY C 66 -25.28 7.98 11.38
C GLY C 66 -25.19 9.39 11.95
N ASP C 67 -25.34 9.53 13.26
CA ASP C 67 -25.26 10.84 13.89
C ASP C 67 -23.80 11.17 14.24
N GLU C 68 -23.25 12.14 13.53
CA GLU C 68 -21.87 12.55 13.77
C GLU C 68 -21.62 13.07 15.18
N THR C 69 -22.67 13.52 15.87
CA THR C 69 -22.50 14.04 17.22
C THR C 69 -22.43 12.95 18.28
N LYS C 70 -22.75 11.72 17.89
CA LYS C 70 -22.69 10.58 18.80
C LYS C 70 -21.34 9.94 18.48
N LYS C 71 -20.38 10.15 19.38
CA LYS C 71 -19.01 9.66 19.17
C LYS C 71 -18.79 8.19 19.49
N LYS C 72 -18.13 7.49 18.58
CA LYS C 72 -17.82 6.08 18.76
C LYS C 72 -16.31 5.84 18.71
N SER C 73 -15.86 4.89 19.54
CA SER C 73 -14.46 4.50 19.57
C SER C 73 -14.49 3.07 19.03
N MET C 74 -13.62 2.78 18.07
CA MET C 74 -13.62 1.46 17.45
C MET C 74 -12.24 0.92 17.11
N PHE C 75 -12.23 -0.26 16.51
CA PHE C 75 -11.00 -0.89 16.04
C PHE C 75 -11.28 -1.28 14.59
N ASP C 76 -10.58 -0.64 13.65
CA ASP C 76 -10.77 -0.89 12.22
C ASP C 76 -12.18 -0.45 11.82
N SER C 77 -12.46 0.84 12.02
CA SER C 77 -13.76 1.40 11.70
C SER C 77 -14.07 1.32 10.19
N LYS C 78 -13.04 1.30 9.35
CA LYS C 78 -13.24 1.21 7.91
C LYS C 78 -13.95 -0.09 7.55
N ARG C 79 -13.56 -1.18 8.20
CA ARG C 79 -14.17 -2.48 7.96
C ARG C 79 -15.68 -2.38 8.26
N ALA C 80 -16.01 -1.82 9.41
CA ALA C 80 -17.41 -1.67 9.79
C ALA C 80 -18.15 -0.75 8.84
N ALA C 81 -17.53 0.41 8.55
CA ALA C 81 -18.11 1.40 7.67
C ALA C 81 -18.46 0.86 6.29
N VAL C 82 -17.53 0.11 5.69
CA VAL C 82 -17.76 -0.46 4.37
C VAL C 82 -18.85 -1.55 4.41
N ALA C 83 -18.77 -2.43 5.40
CA ALA C 83 -19.76 -3.50 5.52
C ALA C 83 -21.15 -2.88 5.65
N LEU C 84 -21.22 -1.74 6.33
CA LEU C 84 -22.47 -1.04 6.54
C LEU C 84 -22.89 -0.31 5.26
N LYS C 85 -21.91 0.18 4.49
CA LYS C 85 -22.22 0.84 3.23
C LYS C 85 -22.96 -0.14 2.30
N TRP C 86 -22.53 -1.39 2.31
CA TRP C 86 -23.17 -2.39 1.46
C TRP C 86 -24.61 -2.66 1.89
N LYS C 87 -24.93 -2.35 3.14
CA LYS C 87 -26.28 -2.54 3.66
C LYS C 87 -27.07 -1.23 3.61
N GLY C 88 -26.47 -0.20 3.02
CA GLY C 88 -27.14 1.08 2.92
C GLY C 88 -27.19 1.88 4.22
N ILE C 89 -26.28 1.57 5.14
CA ILE C 89 -26.24 2.25 6.43
C ILE C 89 -24.96 3.08 6.59
N GLU C 90 -25.14 4.35 6.97
CA GLU C 90 -24.01 5.26 7.15
C GLU C 90 -23.49 5.30 8.58
N LEU C 91 -22.17 5.17 8.71
CA LEU C 91 -21.52 5.23 10.01
C LEU C 91 -20.80 6.56 10.14
N CYS C 92 -21.15 7.34 11.15
CA CYS C 92 -20.52 8.64 11.38
C CYS C 92 -20.12 8.75 12.84
N GLY C 93 -19.35 9.79 13.17
CA GLY C 93 -18.94 10.03 14.54
C GLY C 93 -17.82 9.19 15.12
N VAL C 94 -17.09 8.47 14.29
CA VAL C 94 -15.99 7.67 14.80
C VAL C 94 -14.87 8.64 15.16
N SER C 95 -14.64 8.84 16.46
CA SER C 95 -13.63 9.78 16.90
C SER C 95 -12.30 9.13 17.30
N PHE C 96 -12.28 7.80 17.35
CA PHE C 96 -11.06 7.09 17.73
C PHE C 96 -11.03 5.68 17.15
N ASP C 97 -9.94 5.35 16.48
CA ASP C 97 -9.77 4.03 15.89
C ASP C 97 -8.50 3.43 16.50
N LEU C 98 -8.67 2.45 17.38
CA LEU C 98 -7.55 1.81 18.07
C LEU C 98 -6.54 1.17 17.12
N LEU C 99 -7.01 0.61 16.00
CA LEU C 99 -6.10 0.00 15.02
C LEU C 99 -5.12 1.04 14.49
N LEU C 100 -5.63 2.18 14.04
CA LEU C 100 -4.79 3.23 13.51
C LEU C 100 -3.88 3.84 14.58
N ALA C 101 -4.37 3.90 15.81
CA ALA C 101 -3.58 4.46 16.91
C ALA C 101 -2.38 3.55 17.17
N ALA C 102 -2.64 2.25 17.24
CA ALA C 102 -1.58 1.28 17.47
C ALA C 102 -0.57 1.32 16.33
N TYR C 103 -1.07 1.40 15.10
CA TYR C 103 -0.23 1.46 13.91
C TYR C 103 0.75 2.64 13.96
N LEU C 104 0.24 3.81 14.33
CA LEU C 104 1.07 5.02 14.41
C LEU C 104 2.09 4.92 15.54
N LEU C 105 1.71 4.34 16.67
CA LEU C 105 2.61 4.19 17.80
C LEU C 105 3.78 3.27 17.47
N ASP C 106 3.52 2.20 16.74
CA ASP C 106 4.57 1.26 16.37
C ASP C 106 4.11 0.32 15.26
N PRO C 107 4.41 0.66 14.00
CA PRO C 107 4.02 -0.15 12.83
C PRO C 107 4.59 -1.57 12.89
N ALA C 108 5.75 -1.72 13.53
CA ALA C 108 6.42 -3.01 13.63
C ALA C 108 5.73 -4.04 14.51
N GLN C 109 4.89 -3.58 15.44
CA GLN C 109 4.21 -4.52 16.33
C GLN C 109 3.29 -5.45 15.54
N GLY C 110 2.79 -4.99 14.40
CA GLY C 110 1.90 -5.81 13.60
C GLY C 110 0.53 -6.02 14.21
N VAL C 111 0.02 -5.00 14.89
CA VAL C 111 -1.29 -5.11 15.52
C VAL C 111 -2.38 -5.32 14.47
N ASP C 112 -3.09 -6.44 14.58
CA ASP C 112 -4.14 -6.76 13.63
C ASP C 112 -5.45 -7.14 14.32
N ASP C 113 -5.48 -7.05 15.64
CA ASP C 113 -6.70 -7.33 16.38
C ASP C 113 -6.65 -6.58 17.70
N VAL C 114 -7.79 -6.44 18.35
CA VAL C 114 -7.86 -5.70 19.60
C VAL C 114 -6.92 -6.24 20.68
N ALA C 115 -6.78 -7.56 20.77
CA ALA C 115 -5.93 -8.15 21.78
C ALA C 115 -4.47 -7.72 21.62
N ALA C 116 -4.00 -7.68 20.37
CA ALA C 116 -2.62 -7.28 20.12
C ALA C 116 -2.37 -5.84 20.57
N ALA C 117 -3.33 -4.97 20.31
CA ALA C 117 -3.20 -3.57 20.70
C ALA C 117 -3.24 -3.45 22.22
N ALA C 118 -4.20 -4.11 22.85
CA ALA C 118 -4.35 -4.07 24.30
C ALA C 118 -3.10 -4.56 25.03
N LYS C 119 -2.42 -5.54 24.43
CA LYS C 119 -1.23 -6.12 25.04
C LYS C 119 -0.10 -5.08 25.17
N MET C 120 -0.12 -4.05 24.32
CA MET C 120 0.88 -2.99 24.35
C MET C 120 0.82 -2.21 25.67
N LYS C 121 -0.36 -2.22 26.29
CA LYS C 121 -0.56 -1.51 27.56
C LYS C 121 -0.86 -2.50 28.69
N GLN C 122 -0.30 -3.70 28.55
CA GLN C 122 -0.47 -4.75 29.56
C GLN C 122 -1.93 -5.04 29.93
N TYR C 123 -2.81 -4.98 28.93
CA TYR C 123 -4.23 -5.27 29.14
C TYR C 123 -4.46 -6.59 28.40
N GLU C 124 -4.86 -7.63 29.13
CA GLU C 124 -5.06 -8.93 28.51
C GLU C 124 -6.41 -9.60 28.78
N ALA C 125 -7.40 -8.82 29.18
CA ALA C 125 -8.74 -9.34 29.46
C ALA C 125 -9.58 -9.41 28.18
N VAL C 126 -8.97 -9.92 27.12
CA VAL C 126 -9.62 -10.06 25.82
C VAL C 126 -8.79 -11.06 25.02
N ARG C 127 -9.47 -11.93 24.27
CA ARG C 127 -8.80 -12.95 23.48
C ARG C 127 -8.47 -12.51 22.05
N PRO C 128 -7.40 -13.08 21.46
CA PRO C 128 -7.04 -12.73 20.09
C PRO C 128 -8.18 -13.26 19.22
N ASP C 129 -8.47 -12.58 18.12
CA ASP C 129 -9.55 -13.03 17.24
C ASP C 129 -9.33 -14.45 16.73
N GLU C 130 -8.10 -14.77 16.36
CA GLU C 130 -7.80 -16.09 15.84
C GLU C 130 -8.15 -17.19 16.85
N ALA C 131 -8.00 -16.91 18.13
CA ALA C 131 -8.32 -17.89 19.16
C ALA C 131 -9.81 -18.15 19.24
N VAL C 132 -10.62 -17.13 18.92
CA VAL C 132 -12.06 -17.29 18.98
C VAL C 132 -12.64 -17.85 17.68
N TYR C 133 -12.19 -17.32 16.54
CA TYR C 133 -12.71 -17.74 15.26
C TYR C 133 -11.96 -18.89 14.59
N GLY C 134 -10.81 -19.25 15.16
CA GLY C 134 -10.03 -20.31 14.54
C GLY C 134 -9.35 -19.74 13.31
N LYS C 135 -8.66 -20.59 12.55
CA LYS C 135 -7.96 -20.12 11.37
C LYS C 135 -8.11 -21.05 10.18
N GLY C 136 -8.20 -20.47 8.98
CA GLY C 136 -8.33 -21.26 7.77
C GLY C 136 -9.63 -22.03 7.61
N ALA C 137 -9.50 -23.27 7.15
CA ALA C 137 -10.66 -24.12 6.94
C ALA C 137 -11.49 -24.31 8.22
N LYS C 138 -10.81 -24.32 9.36
CA LYS C 138 -11.48 -24.51 10.64
C LYS C 138 -12.14 -23.23 11.15
N ARG C 139 -11.96 -22.14 10.40
CA ARG C 139 -12.53 -20.85 10.78
C ARG C 139 -14.04 -20.97 10.89
N ALA C 140 -14.63 -20.30 11.88
CA ALA C 140 -16.07 -20.34 12.08
C ALA C 140 -16.53 -19.41 13.18
N VAL C 141 -17.77 -18.94 13.06
CA VAL C 141 -18.34 -18.07 14.06
C VAL C 141 -18.87 -18.98 15.17
N PRO C 142 -18.38 -18.79 16.41
CA PRO C 142 -18.81 -19.60 17.54
C PRO C 142 -20.25 -19.31 17.96
N ASP C 143 -20.78 -20.10 18.89
CA ASP C 143 -22.14 -19.91 19.37
C ASP C 143 -22.32 -18.54 20.01
N GLU C 144 -23.57 -18.09 20.11
CA GLU C 144 -23.87 -16.78 20.65
C GLU C 144 -23.22 -16.41 21.99
N PRO C 145 -23.25 -17.32 22.98
CA PRO C 145 -22.65 -16.99 24.28
C PRO C 145 -21.16 -16.66 24.18
N VAL C 146 -20.45 -17.43 23.36
CA VAL C 146 -19.02 -17.23 23.17
C VAL C 146 -18.78 -15.99 22.32
N LEU C 147 -19.58 -15.83 21.28
CA LEU C 147 -19.47 -14.69 20.38
C LEU C 147 -19.68 -13.39 21.14
N ALA C 148 -20.82 -13.30 21.83
CA ALA C 148 -21.18 -12.11 22.58
C ALA C 148 -20.15 -11.67 23.61
N GLU C 149 -19.58 -12.61 24.35
CA GLU C 149 -18.59 -12.22 25.34
C GLU C 149 -17.34 -11.69 24.67
N HIS C 150 -16.95 -12.29 23.55
CA HIS C 150 -15.76 -11.82 22.85
C HIS C 150 -15.97 -10.37 22.39
N LEU C 151 -17.08 -10.11 21.71
CA LEU C 151 -17.36 -8.76 21.23
C LEU C 151 -17.45 -7.74 22.36
N VAL C 152 -18.03 -8.13 23.48
CA VAL C 152 -18.15 -7.21 24.61
C VAL C 152 -16.76 -6.92 25.21
N ARG C 153 -15.90 -7.93 25.29
CA ARG C 153 -14.56 -7.73 25.83
C ARG C 153 -13.74 -6.82 24.92
N LYS C 154 -13.95 -6.95 23.60
CA LYS C 154 -13.23 -6.10 22.65
C LYS C 154 -13.70 -4.66 22.82
N ALA C 155 -15.01 -4.47 22.96
CA ALA C 155 -15.56 -3.14 23.15
C ALA C 155 -15.04 -2.57 24.46
N ALA C 156 -15.00 -3.41 25.48
CA ALA C 156 -14.52 -3.01 26.80
C ALA C 156 -13.05 -2.57 26.75
N ALA C 157 -12.24 -3.32 26.01
CA ALA C 157 -10.82 -2.99 25.88
C ALA C 157 -10.67 -1.63 25.20
N ILE C 158 -11.41 -1.43 24.11
CA ILE C 158 -11.35 -0.17 23.39
C ILE C 158 -11.79 0.97 24.32
N TRP C 159 -12.87 0.75 25.07
CA TRP C 159 -13.37 1.76 25.99
C TRP C 159 -12.28 2.16 26.99
N GLU C 160 -11.59 1.17 27.54
CA GLU C 160 -10.52 1.40 28.51
C GLU C 160 -9.22 1.96 27.94
N LEU C 161 -8.85 1.47 26.76
CA LEU C 161 -7.59 1.86 26.12
C LEU C 161 -7.51 3.19 25.37
N GLU C 162 -8.66 3.77 25.03
CA GLU C 162 -8.65 5.04 24.29
C GLU C 162 -7.76 6.10 24.93
N ARG C 163 -7.99 6.37 26.21
CA ARG C 163 -7.21 7.38 26.94
C ARG C 163 -5.70 7.14 26.91
N PRO C 164 -5.23 5.98 27.41
CA PRO C 164 -3.78 5.75 27.38
C PRO C 164 -3.17 5.82 25.98
N PHE C 165 -3.89 5.36 24.97
CA PHE C 165 -3.35 5.42 23.61
C PHE C 165 -3.27 6.88 23.14
N LEU C 166 -4.32 7.65 23.37
CA LEU C 166 -4.32 9.06 22.97
C LEU C 166 -3.25 9.86 23.70
N ASP C 167 -3.02 9.54 24.98
CA ASP C 167 -2.00 10.23 25.77
C ASP C 167 -0.60 9.95 25.24
N GLU C 168 -0.34 8.71 24.84
CA GLU C 168 0.97 8.39 24.32
C GLU C 168 1.17 9.06 22.96
N LEU C 169 0.12 9.08 22.15
CA LEU C 169 0.21 9.74 20.83
C LEU C 169 0.55 11.22 21.05
N ARG C 170 -0.07 11.84 22.06
CA ARG C 170 0.22 13.24 22.35
C ARG C 170 1.68 13.42 22.75
N ARG C 171 2.19 12.54 23.60
CA ARG C 171 3.59 12.60 24.04
C ARG C 171 4.52 12.46 22.83
N ASN C 172 4.11 11.63 21.87
CA ASN C 172 4.89 11.41 20.65
C ASN C 172 4.62 12.51 19.62
N GLU C 173 3.73 13.44 19.96
CA GLU C 173 3.36 14.51 19.05
C GLU C 173 2.77 13.91 17.77
N GLN C 174 1.93 12.89 17.95
CA GLN C 174 1.28 12.20 16.84
C GLN C 174 -0.26 12.23 16.92
N ASP C 175 -0.81 12.96 17.89
CA ASP C 175 -2.27 12.99 18.02
C ASP C 175 -2.96 13.61 16.81
N ARG C 176 -2.35 14.64 16.23
CA ARG C 176 -2.93 15.26 15.04
C ARG C 176 -2.80 14.33 13.83
N LEU C 177 -1.71 13.57 13.77
CA LEU C 177 -1.50 12.63 12.68
C LEU C 177 -2.65 11.61 12.68
N LEU C 178 -3.10 11.20 13.87
CA LEU C 178 -4.20 10.26 13.96
C LEU C 178 -5.54 10.94 13.64
N VAL C 179 -5.87 11.96 14.42
CA VAL C 179 -7.12 12.69 14.31
C VAL C 179 -7.35 13.51 13.04
N GLU C 180 -6.30 14.14 12.54
CA GLU C 180 -6.43 14.97 11.35
C GLU C 180 -6.01 14.31 10.03
N LEU C 181 -5.25 13.21 10.10
CA LEU C 181 -4.82 12.56 8.86
C LEU C 181 -5.35 11.14 8.67
N GLU C 182 -4.87 10.19 9.47
CA GLU C 182 -5.30 8.80 9.29
C GLU C 182 -6.79 8.52 9.45
N GLN C 183 -7.42 9.04 10.50
CA GLN C 183 -8.84 8.76 10.66
C GLN C 183 -9.69 9.36 9.54
N PRO C 184 -9.41 10.62 9.15
CA PRO C 184 -10.24 11.15 8.05
C PRO C 184 -9.94 10.38 6.76
N LEU C 185 -8.69 9.96 6.59
CA LEU C 185 -8.31 9.20 5.40
C LEU C 185 -9.06 7.86 5.37
N SER C 186 -9.23 7.26 6.54
CA SER C 186 -9.92 5.99 6.64
C SER C 186 -11.31 6.05 5.98
N SER C 187 -12.02 7.16 6.19
CA SER C 187 -13.36 7.36 5.61
C SER C 187 -13.27 7.52 4.09
N ILE C 188 -12.20 8.14 3.62
CA ILE C 188 -12.00 8.33 2.19
C ILE C 188 -11.69 6.99 1.52
N LEU C 189 -10.84 6.19 2.16
CA LEU C 189 -10.50 4.87 1.62
C LEU C 189 -11.77 4.01 1.57
N ALA C 190 -12.64 4.17 2.55
CA ALA C 190 -13.88 3.41 2.61
C ALA C 190 -14.73 3.73 1.38
N GLU C 191 -14.81 5.01 1.03
CA GLU C 191 -15.60 5.41 -0.13
C GLU C 191 -14.99 4.84 -1.42
N MET C 192 -13.66 4.86 -1.50
CA MET C 192 -12.95 4.35 -2.68
C MET C 192 -13.19 2.86 -2.90
N GLU C 193 -13.05 2.07 -1.83
CA GLU C 193 -13.23 0.63 -1.91
C GLU C 193 -14.68 0.29 -2.25
N PHE C 194 -15.60 0.98 -1.62
CA PHE C 194 -17.03 0.74 -1.86
C PHE C 194 -17.41 1.08 -3.31
N ALA C 195 -16.86 2.16 -3.85
CA ALA C 195 -17.15 2.57 -5.23
C ALA C 195 -16.62 1.51 -6.19
N GLY C 196 -15.39 1.08 -5.95
CA GLY C 196 -14.78 0.06 -6.77
C GLY C 196 -14.41 0.56 -8.16
N VAL C 197 -13.80 -0.30 -8.96
CA VAL C 197 -13.41 0.04 -10.31
C VAL C 197 -14.06 -0.92 -11.29
N LYS C 198 -14.68 -0.37 -12.33
CA LYS C 198 -15.37 -1.14 -13.36
C LYS C 198 -14.36 -1.87 -14.25
N VAL C 199 -14.65 -3.13 -14.54
CA VAL C 199 -13.77 -3.93 -15.38
C VAL C 199 -14.48 -4.41 -16.65
N ASP C 200 -13.77 -4.33 -17.77
CA ASP C 200 -14.28 -4.80 -19.05
C ASP C 200 -13.88 -6.27 -19.10
N THR C 201 -14.73 -7.14 -18.54
CA THR C 201 -14.43 -8.56 -18.50
C THR C 201 -14.28 -9.19 -19.88
N LYS C 202 -15.11 -8.76 -20.83
CA LYS C 202 -15.03 -9.28 -22.18
C LYS C 202 -13.60 -9.06 -22.70
N ARG C 203 -13.10 -7.84 -22.49
CA ARG C 203 -11.75 -7.52 -22.95
C ARG C 203 -10.73 -8.43 -22.29
N LEU C 204 -10.87 -8.62 -20.98
CA LEU C 204 -9.96 -9.48 -20.24
C LEU C 204 -10.02 -10.92 -20.74
N GLU C 205 -11.24 -11.42 -20.95
CA GLU C 205 -11.43 -12.78 -21.43
C GLU C 205 -10.85 -12.99 -22.82
N GLN C 206 -10.87 -11.97 -23.66
CA GLN C 206 -10.32 -12.10 -25.00
C GLN C 206 -8.80 -12.10 -24.93
N MET C 207 -8.25 -11.27 -24.02
CA MET C 207 -6.81 -11.22 -23.84
C MET C 207 -6.36 -12.57 -23.34
N GLY C 208 -7.13 -13.14 -22.40
CA GLY C 208 -6.82 -14.43 -21.84
C GLY C 208 -6.77 -15.50 -22.92
N LYS C 209 -7.69 -15.43 -23.88
CA LYS C 209 -7.74 -16.40 -24.96
C LYS C 209 -6.45 -16.32 -25.78
N GLU C 210 -6.09 -15.11 -26.18
CA GLU C 210 -4.88 -14.91 -26.98
C GLU C 210 -3.64 -15.37 -26.24
N LEU C 211 -3.58 -15.12 -24.94
CA LEU C 211 -2.43 -15.54 -24.14
C LEU C 211 -2.31 -17.06 -24.14
N ALA C 212 -3.43 -17.74 -23.92
CA ALA C 212 -3.44 -19.20 -23.89
C ALA C 212 -2.84 -19.75 -25.17
N GLU C 213 -3.16 -19.12 -26.30
CA GLU C 213 -2.66 -19.55 -27.59
C GLU C 213 -1.15 -19.38 -27.68
N GLN C 214 -0.66 -18.21 -27.33
CA GLN C 214 0.77 -17.93 -27.39
C GLN C 214 1.52 -18.78 -26.38
N LEU C 215 0.89 -18.99 -25.23
CA LEU C 215 1.48 -19.78 -24.17
C LEU C 215 1.64 -21.23 -24.64
N GLY C 216 0.63 -21.74 -25.33
CA GLY C 216 0.69 -23.11 -25.84
C GLY C 216 1.78 -23.24 -26.89
N THR C 217 1.89 -22.23 -27.74
CA THR C 217 2.89 -22.20 -28.80
C THR C 217 4.29 -22.21 -28.22
N VAL C 218 4.58 -21.23 -27.35
CA VAL C 218 5.89 -21.12 -26.71
C VAL C 218 6.21 -22.39 -25.94
N GLU C 219 5.22 -22.93 -25.23
CA GLU C 219 5.40 -24.13 -24.44
C GLU C 219 5.92 -25.29 -25.30
N GLN C 220 5.27 -25.53 -26.43
CA GLN C 220 5.69 -26.60 -27.32
C GLN C 220 7.11 -26.37 -27.83
N ARG C 221 7.41 -25.11 -28.17
CA ARG C 221 8.73 -24.76 -28.66
C ARG C 221 9.78 -25.08 -27.60
N ILE C 222 9.45 -24.81 -26.34
CA ILE C 222 10.36 -25.09 -25.23
C ILE C 222 10.69 -26.57 -25.13
N TYR C 223 9.67 -27.43 -25.27
CA TYR C 223 9.90 -28.87 -25.20
C TYR C 223 10.75 -29.30 -26.38
N GLU C 224 10.47 -28.71 -27.54
CA GLU C 224 11.21 -29.01 -28.76
C GLU C 224 12.69 -28.73 -28.54
N LEU C 225 12.99 -27.54 -28.04
CA LEU C 225 14.38 -27.14 -27.78
C LEU C 225 15.04 -27.94 -26.66
N ALA C 226 14.24 -28.47 -25.75
CA ALA C 226 14.77 -29.24 -24.64
C ALA C 226 14.86 -30.73 -24.95
N GLY C 227 14.14 -31.16 -25.99
CA GLY C 227 14.17 -32.56 -26.38
C GLY C 227 13.25 -33.41 -25.52
N GLN C 228 12.40 -32.77 -24.73
CA GLN C 228 11.47 -33.49 -23.87
C GLN C 228 10.50 -32.50 -23.21
N GLU C 229 9.46 -33.04 -22.57
CA GLU C 229 8.48 -32.19 -21.89
C GLU C 229 8.75 -32.21 -20.39
N PHE C 230 8.41 -31.11 -19.72
CA PHE C 230 8.61 -30.99 -18.27
C PHE C 230 7.80 -29.81 -17.76
N ASN C 231 7.72 -29.67 -16.44
CA ASN C 231 6.98 -28.56 -15.86
C ASN C 231 7.84 -27.31 -15.81
N ILE C 232 7.72 -26.48 -16.84
CA ILE C 232 8.48 -25.24 -16.94
C ILE C 232 8.33 -24.37 -15.69
N ASN C 233 7.25 -24.57 -14.95
CA ASN C 233 6.99 -23.79 -13.75
C ASN C 233 7.64 -24.27 -12.47
N SER C 234 8.40 -25.37 -12.54
CA SER C 234 9.07 -25.89 -11.35
C SER C 234 10.57 -25.62 -11.43
N PRO C 235 11.07 -24.66 -10.65
CA PRO C 235 12.50 -24.32 -10.64
C PRO C 235 13.37 -25.57 -10.54
N LYS C 236 12.82 -26.61 -9.94
CA LYS C 236 13.51 -27.89 -9.77
C LYS C 236 13.75 -28.57 -11.12
N GLN C 237 12.66 -28.91 -11.81
CA GLN C 237 12.75 -29.57 -13.10
C GLN C 237 13.45 -28.68 -14.13
N LEU C 238 13.12 -27.40 -14.10
CA LEU C 238 13.69 -26.42 -15.02
C LEU C 238 15.21 -26.43 -14.88
N GLY C 239 15.67 -26.44 -13.63
CA GLY C 239 17.10 -26.44 -13.35
C GLY C 239 17.82 -27.65 -13.93
N VAL C 240 17.18 -28.81 -13.87
CA VAL C 240 17.76 -30.04 -14.41
C VAL C 240 17.97 -29.91 -15.92
N ILE C 241 16.97 -29.36 -16.60
CA ILE C 241 17.03 -29.18 -18.05
C ILE C 241 18.13 -28.19 -18.43
N LEU C 242 18.11 -27.02 -17.81
CA LEU C 242 19.08 -25.97 -18.11
C LEU C 242 20.52 -26.23 -17.71
N PHE C 243 20.71 -26.57 -16.44
CA PHE C 243 22.05 -26.77 -15.91
C PHE C 243 22.64 -28.17 -15.97
N GLU C 244 21.80 -29.18 -16.22
CA GLU C 244 22.28 -30.54 -16.30
C GLU C 244 22.20 -31.07 -17.73
N LYS C 245 21.00 -31.12 -18.30
CA LYS C 245 20.83 -31.62 -19.66
C LYS C 245 21.46 -30.71 -20.72
N LEU C 246 21.24 -29.41 -20.61
CA LEU C 246 21.78 -28.46 -21.58
C LEU C 246 23.14 -27.89 -21.21
N GLN C 247 23.62 -28.23 -20.01
CA GLN C 247 24.93 -27.80 -19.55
C GLN C 247 25.16 -26.30 -19.42
N LEU C 248 24.10 -25.52 -19.26
CA LEU C 248 24.28 -24.08 -19.10
C LEU C 248 25.07 -23.82 -17.83
N PRO C 249 25.90 -22.76 -17.82
CA PRO C 249 26.70 -22.44 -16.63
C PRO C 249 25.86 -21.97 -15.44
N VAL C 250 26.30 -22.33 -14.24
CA VAL C 250 25.62 -21.92 -13.02
C VAL C 250 26.26 -20.65 -12.51
N LEU C 251 25.62 -19.52 -12.77
CA LEU C 251 26.13 -18.23 -12.36
C LEU C 251 25.58 -17.84 -10.98
N LYS C 252 24.48 -18.47 -10.60
CA LYS C 252 23.86 -18.18 -9.31
C LYS C 252 23.23 -19.42 -8.67
N LYS C 253 23.46 -19.58 -7.37
CA LYS C 253 22.93 -20.72 -6.63
C LYS C 253 21.80 -20.28 -5.70
N THR C 254 20.95 -21.23 -5.32
CA THR C 254 19.84 -20.93 -4.42
C THR C 254 19.86 -21.95 -3.28
N LYS C 255 19.29 -21.59 -2.13
CA LYS C 255 19.25 -22.50 -0.99
C LYS C 255 18.26 -23.63 -1.25
N THR C 256 18.55 -24.38 -2.32
CA THR C 256 17.73 -25.52 -2.75
C THR C 256 18.53 -26.17 -3.86
N GLY C 257 18.60 -25.48 -4.99
CA GLY C 257 19.34 -25.99 -6.13
C GLY C 257 19.91 -24.87 -6.97
N TYR C 258 19.37 -24.72 -8.18
CA TYR C 258 19.83 -23.70 -9.11
C TYR C 258 18.90 -22.50 -9.17
N SER C 259 19.47 -21.33 -9.42
CA SER C 259 18.69 -20.10 -9.53
C SER C 259 18.25 -19.91 -10.98
N THR C 260 16.99 -19.55 -11.19
CA THR C 260 16.47 -19.35 -12.54
C THR C 260 15.73 -18.03 -12.68
N SER C 261 16.06 -17.05 -11.84
CA SER C 261 15.42 -15.74 -11.92
C SER C 261 15.71 -15.09 -13.27
N ALA C 262 14.83 -14.20 -13.70
CA ALA C 262 14.97 -13.51 -14.98
C ALA C 262 16.36 -12.94 -15.23
N ASP C 263 16.89 -12.23 -14.24
CA ASP C 263 18.22 -11.63 -14.37
C ASP C 263 19.29 -12.68 -14.69
N VAL C 264 19.12 -13.88 -14.14
CA VAL C 264 20.08 -14.95 -14.40
C VAL C 264 19.90 -15.47 -15.82
N LEU C 265 18.65 -15.70 -16.21
CA LEU C 265 18.34 -16.22 -17.54
C LEU C 265 18.81 -15.29 -18.66
N GLU C 266 18.63 -13.98 -18.46
CA GLU C 266 19.05 -13.01 -19.47
C GLU C 266 20.53 -13.15 -19.78
N LYS C 267 21.33 -13.52 -18.78
CA LYS C 267 22.75 -13.71 -18.98
C LYS C 267 23.09 -15.03 -19.67
N LEU C 268 22.16 -15.98 -19.60
CA LEU C 268 22.36 -17.29 -20.23
C LEU C 268 21.84 -17.37 -21.66
N ALA C 269 21.01 -16.39 -22.03
CA ALA C 269 20.41 -16.36 -23.36
C ALA C 269 21.34 -16.63 -24.55
N PRO C 270 22.55 -16.06 -24.54
CA PRO C 270 23.48 -16.29 -25.67
C PRO C 270 23.86 -17.75 -25.88
N TYR C 271 23.85 -18.54 -24.81
CA TYR C 271 24.22 -19.95 -24.87
C TYR C 271 23.21 -20.89 -25.50
N HIS C 272 21.92 -20.61 -25.35
CA HIS C 272 20.92 -21.50 -25.90
C HIS C 272 19.57 -20.81 -26.15
N GLU C 273 18.96 -21.14 -27.28
CA GLU C 273 17.69 -20.56 -27.68
C GLU C 273 16.52 -20.87 -26.74
N ILE C 274 16.67 -21.91 -25.92
CA ILE C 274 15.61 -22.26 -24.98
C ILE C 274 15.39 -21.16 -23.94
N VAL C 275 16.45 -20.47 -23.56
CA VAL C 275 16.35 -19.43 -22.56
C VAL C 275 15.35 -18.31 -22.89
N GLU C 276 15.51 -17.67 -24.05
CA GLU C 276 14.60 -16.60 -24.42
C GLU C 276 13.15 -17.07 -24.40
N ASN C 277 12.92 -18.31 -24.82
CA ASN C 277 11.58 -18.89 -24.83
C ASN C 277 11.04 -19.08 -23.41
N ILE C 278 11.92 -19.43 -22.48
CA ILE C 278 11.53 -19.61 -21.08
C ILE C 278 11.16 -18.25 -20.50
N LEU C 279 11.95 -17.24 -20.86
CA LEU C 279 11.70 -15.88 -20.39
C LEU C 279 10.34 -15.42 -20.90
N HIS C 280 10.12 -15.63 -22.20
CA HIS C 280 8.87 -15.25 -22.84
C HIS C 280 7.68 -16.00 -22.23
N TYR C 281 7.89 -17.30 -21.97
CA TYR C 281 6.84 -18.12 -21.38
C TYR C 281 6.42 -17.56 -20.02
N ARG C 282 7.41 -17.17 -19.22
CA ARG C 282 7.13 -16.62 -17.89
C ARG C 282 6.38 -15.29 -17.96
N GLN C 283 6.78 -14.46 -18.91
CA GLN C 283 6.15 -13.16 -19.10
C GLN C 283 4.65 -13.35 -19.34
N LEU C 284 4.32 -14.19 -20.32
CA LEU C 284 2.92 -14.46 -20.65
C LEU C 284 2.21 -15.14 -19.48
N GLY C 285 2.87 -16.12 -18.87
CA GLY C 285 2.29 -16.83 -17.75
C GLY C 285 1.95 -15.94 -16.57
N LYS C 286 2.79 -14.94 -16.33
CA LYS C 286 2.58 -14.00 -15.24
C LYS C 286 1.31 -13.22 -15.54
N LEU C 287 1.16 -12.75 -16.77
CA LEU C 287 -0.02 -12.00 -17.17
C LEU C 287 -1.28 -12.85 -17.08
N GLN C 288 -1.21 -14.06 -17.60
CA GLN C 288 -2.34 -14.98 -17.60
C GLN C 288 -2.81 -15.34 -16.20
N SER C 289 -1.93 -15.97 -15.43
CA SER C 289 -2.25 -16.41 -14.08
C SER C 289 -2.56 -15.32 -13.06
N THR C 290 -1.62 -14.41 -12.86
CA THR C 290 -1.77 -13.35 -11.87
C THR C 290 -2.77 -12.25 -12.21
N TYR C 291 -2.72 -11.76 -13.44
CA TYR C 291 -3.60 -10.66 -13.82
C TYR C 291 -4.91 -11.01 -14.50
N ILE C 292 -4.87 -11.75 -15.61
CA ILE C 292 -6.10 -12.12 -16.31
C ILE C 292 -6.99 -12.99 -15.42
N GLU C 293 -6.52 -14.17 -15.08
CA GLU C 293 -7.28 -15.09 -14.25
C GLU C 293 -7.50 -14.54 -12.83
N GLY C 294 -6.45 -13.94 -12.26
CA GLY C 294 -6.56 -13.40 -10.92
C GLY C 294 -7.61 -12.31 -10.80
N LEU C 295 -7.69 -11.45 -11.80
CA LEU C 295 -8.65 -10.35 -11.81
C LEU C 295 -10.08 -10.87 -12.04
N LEU C 296 -10.22 -11.78 -13.00
CA LEU C 296 -11.53 -12.32 -13.32
C LEU C 296 -12.16 -13.04 -12.12
N LYS C 297 -11.32 -13.59 -11.24
CA LYS C 297 -11.81 -14.28 -10.05
C LYS C 297 -12.47 -13.35 -9.04
N VAL C 298 -11.98 -12.11 -8.94
CA VAL C 298 -12.51 -11.17 -7.97
C VAL C 298 -13.50 -10.12 -8.47
N VAL C 299 -13.77 -10.11 -9.78
CA VAL C 299 -14.74 -9.16 -10.31
C VAL C 299 -16.13 -9.61 -9.86
N ARG C 300 -16.96 -8.67 -9.45
CA ARG C 300 -18.32 -8.99 -9.02
C ARG C 300 -19.17 -9.08 -10.29
N PRO C 301 -19.69 -10.28 -10.60
CA PRO C 301 -20.51 -10.49 -11.80
C PRO C 301 -21.72 -9.58 -11.96
N ASP C 302 -22.32 -9.17 -10.84
CA ASP C 302 -23.49 -8.34 -10.90
C ASP C 302 -23.20 -6.89 -11.31
N THR C 303 -21.99 -6.42 -11.05
CA THR C 303 -21.63 -5.05 -11.39
C THR C 303 -20.38 -4.95 -12.26
N LYS C 304 -19.65 -6.05 -12.37
CA LYS C 304 -18.42 -6.08 -13.14
C LYS C 304 -17.39 -5.12 -12.56
N LYS C 305 -17.42 -4.96 -11.25
CA LYS C 305 -16.46 -4.09 -10.56
C LYS C 305 -15.58 -4.91 -9.62
N VAL C 306 -14.37 -4.43 -9.36
CA VAL C 306 -13.48 -5.07 -8.40
C VAL C 306 -13.45 -4.10 -7.23
N HIS C 307 -13.53 -4.63 -6.02
CA HIS C 307 -13.49 -3.79 -4.82
C HIS C 307 -12.30 -4.19 -3.97
N THR C 308 -11.19 -3.48 -4.14
CA THR C 308 -9.98 -3.76 -3.39
C THR C 308 -10.15 -3.33 -1.94
N ILE C 309 -9.22 -3.75 -1.11
CA ILE C 309 -9.22 -3.34 0.29
C ILE C 309 -7.83 -2.75 0.52
N PHE C 310 -7.82 -1.49 0.95
CA PHE C 310 -6.56 -0.81 1.21
C PHE C 310 -6.22 -1.03 2.66
N ASN C 311 -5.16 -1.79 2.93
CA ASN C 311 -4.77 -2.02 4.30
C ASN C 311 -4.04 -0.74 4.72
N GLN C 312 -4.65 -0.01 5.65
CA GLN C 312 -4.11 1.28 6.10
C GLN C 312 -3.18 1.16 7.31
N ALA C 313 -3.10 -0.01 7.92
CA ALA C 313 -2.27 -0.17 9.11
C ALA C 313 -1.29 -1.33 8.99
N LEU C 314 -0.54 -1.36 7.90
CA LEU C 314 0.39 -2.46 7.70
C LEU C 314 1.85 -2.11 7.41
N THR C 315 2.10 -1.35 6.36
CA THR C 315 3.48 -1.03 5.98
C THR C 315 4.30 -0.24 6.99
N GLN C 316 5.59 -0.56 7.04
CA GLN C 316 6.51 0.08 7.97
C GLN C 316 6.88 1.51 7.60
N THR C 317 6.47 1.94 6.40
CA THR C 317 6.79 3.29 5.96
C THR C 317 5.62 4.26 5.93
N GLY C 318 4.41 3.78 6.21
CA GLY C 318 3.26 4.66 6.19
C GLY C 318 2.46 4.57 4.90
N ARG C 319 2.92 3.75 3.96
CA ARG C 319 2.21 3.56 2.71
C ARG C 319 1.01 2.66 2.97
N LEU C 320 0.12 2.60 1.98
CA LEU C 320 -1.04 1.74 2.04
C LEU C 320 -0.61 0.47 1.29
N SER C 321 -1.41 -0.58 1.38
CA SER C 321 -1.17 -1.79 0.60
C SER C 321 -2.55 -2.10 0.04
N SER C 322 -2.61 -2.89 -1.03
CA SER C 322 -3.88 -3.22 -1.68
C SER C 322 -4.02 -4.74 -1.88
N THR C 323 -5.21 -5.27 -1.62
CA THR C 323 -5.42 -6.71 -1.77
C THR C 323 -6.76 -7.13 -2.35
N GLU C 324 -6.76 -8.32 -2.94
CA GLU C 324 -7.96 -8.94 -3.49
C GLU C 324 -8.94 -8.00 -4.19
N PRO C 325 -8.53 -7.40 -5.30
CA PRO C 325 -7.20 -7.58 -5.90
C PRO C 325 -6.24 -6.45 -5.55
N ASN C 326 -4.95 -6.70 -5.75
CA ASN C 326 -3.94 -5.69 -5.52
C ASN C 326 -3.99 -4.82 -6.76
N LEU C 327 -4.43 -3.57 -6.61
CA LEU C 327 -4.53 -2.68 -7.75
C LEU C 327 -3.35 -1.70 -7.76
N GLN C 328 -2.36 -1.97 -6.93
CA GLN C 328 -1.17 -1.14 -6.87
C GLN C 328 0.01 -1.76 -7.61
N ASN C 329 -0.20 -2.90 -8.25
CA ASN C 329 0.89 -3.51 -9.00
C ASN C 329 0.49 -4.00 -10.40
N ILE C 330 -0.49 -3.31 -11.01
CA ILE C 330 -0.94 -3.65 -12.36
C ILE C 330 0.21 -3.23 -13.28
N PRO C 331 0.62 -4.13 -14.19
CA PRO C 331 1.73 -3.79 -15.10
C PRO C 331 1.63 -2.51 -15.92
N ILE C 332 2.79 -1.92 -16.23
CA ILE C 332 2.83 -0.70 -17.01
C ILE C 332 4.16 -0.50 -17.74
N ARG C 333 5.23 -1.09 -17.21
CA ARG C 333 6.55 -0.96 -17.81
C ARG C 333 6.61 -1.57 -19.21
N LEU C 334 6.21 -2.83 -19.35
CA LEU C 334 6.23 -3.49 -20.64
C LEU C 334 4.86 -3.33 -21.31
N GLU C 335 4.88 -2.95 -22.58
CA GLU C 335 3.67 -2.72 -23.36
C GLU C 335 2.64 -3.85 -23.31
N GLU C 336 3.11 -5.09 -23.45
CA GLU C 336 2.20 -6.23 -23.43
C GLU C 336 1.41 -6.31 -22.13
N GLY C 337 2.09 -6.15 -21.00
CA GLY C 337 1.41 -6.19 -19.73
C GLY C 337 0.59 -4.92 -19.52
N ARG C 338 1.11 -3.80 -20.03
CA ARG C 338 0.43 -2.53 -19.90
C ARG C 338 -0.99 -2.58 -20.45
N LYS C 339 -1.17 -3.31 -21.55
CA LYS C 339 -2.48 -3.46 -22.18
C LYS C 339 -3.56 -3.91 -21.20
N ILE C 340 -3.15 -4.54 -20.11
CA ILE C 340 -4.09 -5.00 -19.09
C ILE C 340 -4.96 -3.83 -18.60
N ARG C 341 -4.36 -2.65 -18.54
CA ARG C 341 -5.05 -1.45 -18.08
C ARG C 341 -6.21 -0.99 -18.96
N GLN C 342 -6.30 -1.52 -20.18
CA GLN C 342 -7.40 -1.15 -21.07
C GLN C 342 -8.68 -1.76 -20.51
N ALA C 343 -8.54 -2.78 -19.65
CA ALA C 343 -9.67 -3.47 -19.04
C ALA C 343 -10.30 -2.71 -17.88
N PHE C 344 -9.63 -1.68 -17.39
CA PHE C 344 -10.17 -0.88 -16.30
C PHE C 344 -10.81 0.35 -16.93
N VAL C 345 -12.13 0.45 -16.80
CA VAL C 345 -12.88 1.52 -17.41
C VAL C 345 -13.76 2.33 -16.45
N PRO C 346 -14.27 3.49 -16.91
CA PRO C 346 -15.13 4.34 -16.07
C PRO C 346 -16.38 3.55 -15.69
N SER C 347 -16.97 3.86 -14.55
CA SER C 347 -18.15 3.14 -14.09
C SER C 347 -19.46 3.67 -14.69
N GLU C 348 -19.39 4.81 -15.37
CA GLU C 348 -20.59 5.40 -15.97
C GLU C 348 -20.30 5.78 -17.42
N SER C 349 -21.36 5.87 -18.20
CA SER C 349 -21.25 6.24 -19.61
C SER C 349 -20.81 7.70 -19.68
N ASP C 350 -19.93 8.00 -20.63
CA ASP C 350 -19.47 9.38 -20.81
C ASP C 350 -18.62 9.92 -19.66
N TRP C 351 -17.99 9.02 -18.92
CA TRP C 351 -17.12 9.39 -17.81
C TRP C 351 -15.73 8.98 -18.29
N LEU C 352 -14.69 9.53 -17.69
CA LEU C 352 -13.32 9.21 -18.09
C LEU C 352 -12.44 8.96 -16.87
N ILE C 353 -11.33 8.26 -17.09
CA ILE C 353 -10.37 7.97 -16.03
C ILE C 353 -9.34 9.12 -16.04
N PHE C 354 -9.04 9.67 -14.86
CA PHE C 354 -8.08 10.77 -14.73
C PHE C 354 -7.00 10.33 -13.73
N ALA C 355 -5.74 10.42 -14.13
CA ALA C 355 -4.65 10.01 -13.27
C ALA C 355 -3.62 11.13 -13.07
N ALA C 356 -3.25 11.37 -11.84
CA ALA C 356 -2.27 12.41 -11.52
C ALA C 356 -1.16 11.80 -10.67
N ASP C 357 0.09 12.07 -11.04
CA ASP C 357 1.21 11.52 -10.29
C ASP C 357 2.26 12.56 -9.95
N TYR C 358 2.86 12.44 -8.78
CA TYR C 358 3.92 13.33 -8.35
C TYR C 358 5.15 12.98 -9.15
N SER C 359 5.86 14.00 -9.64
CA SER C 359 7.08 13.79 -10.37
C SER C 359 8.25 13.83 -9.38
N GLN C 360 8.87 12.68 -9.15
CA GLN C 360 10.01 12.56 -8.24
C GLN C 360 9.78 13.09 -6.83
N ILE C 361 8.64 12.76 -6.22
CA ILE C 361 8.39 13.27 -4.88
C ILE C 361 9.45 12.81 -3.87
N GLU C 362 9.93 11.58 -4.01
CA GLU C 362 10.92 11.07 -3.07
C GLU C 362 12.22 11.88 -3.08
N LEU C 363 12.75 12.18 -4.26
CA LEU C 363 13.99 12.96 -4.35
C LEU C 363 13.77 14.42 -3.97
N ARG C 364 12.55 14.92 -4.16
CA ARG C 364 12.24 16.29 -3.80
C ARG C 364 12.18 16.35 -2.27
N VAL C 365 11.57 15.33 -1.66
CA VAL C 365 11.51 15.26 -0.21
C VAL C 365 12.94 15.16 0.33
N LEU C 366 13.79 14.39 -0.35
CA LEU C 366 15.18 14.25 0.08
C LEU C 366 15.92 15.59 0.02
N ALA C 367 15.71 16.34 -1.06
CA ALA C 367 16.34 17.64 -1.21
C ALA C 367 15.93 18.54 -0.04
N HIS C 368 14.65 18.46 0.31
CA HIS C 368 14.08 19.25 1.39
C HIS C 368 14.64 18.91 2.78
N ILE C 369 14.61 17.63 3.15
CA ILE C 369 15.09 17.22 4.46
C ILE C 369 16.59 17.33 4.64
N ALA C 370 17.36 17.06 3.59
CA ALA C 370 18.83 17.14 3.66
C ALA C 370 19.28 18.57 3.42
N GLU C 371 18.41 19.39 2.85
CA GLU C 371 18.73 20.77 2.56
C GLU C 371 20.00 20.83 1.73
N ASP C 372 20.09 19.95 0.74
CA ASP C 372 21.26 19.89 -0.14
C ASP C 372 21.13 21.01 -1.19
N ASP C 373 22.07 21.95 -1.18
CA ASP C 373 22.01 23.07 -2.11
C ASP C 373 21.93 22.69 -3.58
N ASN C 374 22.72 21.70 -3.98
CA ASN C 374 22.75 21.26 -5.38
C ASN C 374 21.45 20.56 -5.79
N LEU C 375 20.96 19.66 -4.94
CA LEU C 375 19.73 18.94 -5.26
C LEU C 375 18.53 19.90 -5.25
N MET C 376 18.48 20.82 -4.30
CA MET C 376 17.37 21.77 -4.25
C MET C 376 17.37 22.65 -5.49
N GLU C 377 18.55 23.14 -5.89
CA GLU C 377 18.66 23.99 -7.09
C GLU C 377 18.20 23.21 -8.31
N ALA C 378 18.54 21.92 -8.37
CA ALA C 378 18.16 21.09 -9.51
C ALA C 378 16.64 21.05 -9.65
N PHE C 379 15.93 20.80 -8.55
CA PHE C 379 14.48 20.75 -8.62
C PHE C 379 13.83 22.13 -8.80
N ARG C 380 14.51 23.19 -8.34
CA ARG C 380 13.98 24.54 -8.52
C ARG C 380 14.03 24.88 -10.00
N ARG C 381 14.95 24.24 -10.72
CA ARG C 381 15.10 24.44 -12.15
C ARG C 381 14.28 23.37 -12.89
N ASP C 382 13.64 22.49 -12.13
CA ASP C 382 12.83 21.41 -12.69
C ASP C 382 13.64 20.64 -13.75
N LEU C 383 14.89 20.35 -13.39
CA LEU C 383 15.81 19.62 -14.25
C LEU C 383 15.48 18.14 -14.35
N ASP C 384 16.02 17.51 -15.38
CA ASP C 384 15.86 16.06 -15.54
C ASP C 384 16.83 15.60 -14.46
N ILE C 385 16.31 15.06 -13.36
CA ILE C 385 17.16 14.66 -12.25
C ILE C 385 18.20 13.57 -12.55
N HIS C 386 17.90 12.66 -13.47
CA HIS C 386 18.85 11.60 -13.79
C HIS C 386 19.99 12.13 -14.67
N THR C 387 19.65 13.00 -15.61
CA THR C 387 20.65 13.60 -16.47
C THR C 387 21.56 14.49 -15.61
N LYS C 388 20.95 15.24 -14.70
CA LYS C 388 21.69 16.12 -13.81
C LYS C 388 22.64 15.30 -12.92
N THR C 389 22.14 14.19 -12.38
CA THR C 389 22.97 13.35 -11.52
C THR C 389 24.14 12.78 -12.32
N ALA C 390 23.87 12.39 -13.57
CA ALA C 390 24.91 11.85 -14.46
C ALA C 390 25.97 12.92 -14.71
N MET C 391 25.53 14.14 -14.98
CA MET C 391 26.45 15.24 -15.22
C MET C 391 27.41 15.43 -14.04
N ASP C 392 26.87 15.42 -12.83
CA ASP C 392 27.67 15.61 -11.63
C ASP C 392 28.62 14.47 -11.28
N ILE C 393 28.13 13.22 -11.22
CA ILE C 393 29.01 12.11 -10.86
C ILE C 393 30.03 11.74 -11.93
N PHE C 394 29.73 12.05 -13.19
CA PHE C 394 30.66 11.74 -14.28
C PHE C 394 31.43 12.98 -14.73
N GLN C 395 31.12 14.13 -14.12
CA GLN C 395 31.79 15.39 -14.44
C GLN C 395 31.76 15.76 -15.91
N VAL C 396 30.57 15.76 -16.51
CA VAL C 396 30.45 16.11 -17.92
C VAL C 396 29.31 17.10 -18.13
N SER C 397 29.28 17.69 -19.32
CA SER C 397 28.25 18.66 -19.68
C SER C 397 26.98 17.88 -20.01
N GLU C 398 25.86 18.59 -20.14
CA GLU C 398 24.60 17.91 -20.46
C GLU C 398 24.66 17.21 -21.81
N ASP C 399 25.29 17.85 -22.79
CA ASP C 399 25.41 17.27 -24.12
C ASP C 399 26.30 16.04 -24.13
N GLU C 400 27.15 15.93 -23.11
CA GLU C 400 28.06 14.80 -23.01
C GLU C 400 27.46 13.58 -22.31
N VAL C 401 26.24 13.71 -21.81
CA VAL C 401 25.60 12.58 -21.13
C VAL C 401 25.06 11.57 -22.13
N THR C 402 25.62 10.37 -22.12
CA THR C 402 25.18 9.31 -23.02
C THR C 402 24.01 8.57 -22.40
N PRO C 403 23.28 7.80 -23.21
CA PRO C 403 22.15 7.04 -22.66
C PRO C 403 22.56 6.13 -21.51
N ASN C 404 23.70 5.44 -21.66
CA ASN C 404 24.16 4.55 -20.61
C ASN C 404 24.52 5.29 -19.32
N MET C 405 25.06 6.49 -19.47
CA MET C 405 25.42 7.31 -18.31
C MET C 405 24.15 7.67 -17.53
N ARG C 406 23.10 8.07 -18.24
CA ARG C 406 21.85 8.44 -17.60
C ARG C 406 21.23 7.22 -16.94
N ARG C 407 21.34 6.07 -17.60
CA ARG C 407 20.77 4.84 -17.05
C ARG C 407 21.42 4.52 -15.70
N GLN C 408 22.74 4.60 -15.64
CA GLN C 408 23.43 4.31 -14.40
C GLN C 408 23.20 5.37 -13.31
N ALA C 409 23.06 6.63 -13.73
CA ALA C 409 22.81 7.69 -12.76
C ALA C 409 21.40 7.48 -12.19
N LYS C 410 20.50 6.98 -13.04
CA LYS C 410 19.13 6.71 -12.64
C LYS C 410 19.09 5.54 -11.66
N ALA C 411 19.97 4.57 -11.84
CA ALA C 411 20.05 3.41 -10.97
C ALA C 411 20.52 3.87 -9.59
N VAL C 412 21.43 4.85 -9.57
CA VAL C 412 21.93 5.38 -8.31
C VAL C 412 20.77 6.07 -7.57
N ASN C 413 19.99 6.87 -8.30
CA ASN C 413 18.86 7.55 -7.69
C ASN C 413 17.79 6.56 -7.22
N PHE C 414 17.53 5.54 -8.04
CA PHE C 414 16.54 4.52 -7.69
C PHE C 414 16.97 3.86 -6.38
N GLY C 415 18.28 3.68 -6.22
CA GLY C 415 18.81 3.08 -5.01
C GLY C 415 18.61 3.94 -3.79
N ILE C 416 18.73 5.25 -3.99
CA ILE C 416 18.56 6.20 -2.89
C ILE C 416 17.09 6.37 -2.51
N VAL C 417 16.21 6.33 -3.50
CA VAL C 417 14.79 6.46 -3.25
C VAL C 417 14.26 5.25 -2.49
N TYR C 418 14.76 4.07 -2.85
CA TYR C 418 14.31 2.82 -2.22
C TYR C 418 15.20 2.25 -1.12
N GLY C 419 16.37 2.85 -0.92
CA GLY C 419 17.27 2.37 0.11
C GLY C 419 17.71 0.92 -0.10
N ILE C 420 18.09 0.59 -1.32
CA ILE C 420 18.54 -0.76 -1.62
C ILE C 420 19.96 -0.94 -1.08
N SER C 421 20.35 -2.19 -0.86
CA SER C 421 21.68 -2.48 -0.34
C SER C 421 22.74 -2.14 -1.38
N ASP C 422 24.00 -2.08 -0.95
CA ASP C 422 25.10 -1.77 -1.85
C ASP C 422 25.19 -2.89 -2.88
N TYR C 423 24.87 -4.10 -2.42
CA TYR C 423 24.89 -5.28 -3.28
C TYR C 423 23.82 -5.17 -4.36
N GLY C 424 22.63 -4.74 -3.97
CA GLY C 424 21.55 -4.59 -4.93
C GLY C 424 21.89 -3.57 -6.00
N LEU C 425 22.70 -2.58 -5.65
CA LEU C 425 23.10 -1.54 -6.60
C LEU C 425 24.13 -2.08 -7.59
N ALA C 426 25.17 -2.72 -7.06
CA ALA C 426 26.23 -3.29 -7.90
C ALA C 426 25.67 -4.13 -9.03
N GLN C 427 24.59 -4.85 -8.75
CA GLN C 427 23.97 -5.70 -9.75
C GLN C 427 23.09 -4.91 -10.70
N ASN C 428 22.35 -3.94 -10.16
CA ASN C 428 21.49 -3.10 -11.00
C ASN C 428 22.37 -2.39 -12.02
N LEU C 429 23.65 -2.25 -11.69
CA LEU C 429 24.62 -1.62 -12.57
C LEU C 429 25.48 -2.73 -13.18
N ASN C 430 25.19 -3.96 -12.77
CA ASN C 430 25.90 -5.14 -13.24
C ASN C 430 27.42 -4.92 -13.17
N ILE C 431 27.87 -4.40 -12.03
CA ILE C 431 29.29 -4.13 -11.80
C ILE C 431 29.73 -4.70 -10.46
N SER C 432 30.98 -4.45 -10.10
CA SER C 432 31.53 -4.94 -8.84
C SER C 432 31.16 -4.04 -7.66
N ARG C 433 31.10 -4.63 -6.48
CA ARG C 433 30.77 -3.90 -5.26
C ARG C 433 31.77 -2.77 -5.04
N LYS C 434 33.02 -3.03 -5.37
CA LYS C 434 34.07 -2.04 -5.22
C LYS C 434 33.77 -0.82 -6.09
N GLU C 435 33.38 -1.05 -7.33
CA GLU C 435 33.05 0.03 -8.26
C GLU C 435 31.75 0.73 -7.91
N ALA C 436 30.83 0.00 -7.30
CA ALA C 436 29.54 0.56 -6.91
C ALA C 436 29.76 1.61 -5.83
N ALA C 437 30.48 1.23 -4.78
CA ALA C 437 30.77 2.14 -3.67
C ALA C 437 31.45 3.40 -4.21
N GLU C 438 32.19 3.23 -5.31
CA GLU C 438 32.89 4.35 -5.93
C GLU C 438 31.92 5.34 -6.56
N PHE C 439 30.81 4.84 -7.09
CA PHE C 439 29.80 5.69 -7.69
C PHE C 439 29.14 6.54 -6.60
N ILE C 440 28.81 5.88 -5.49
CA ILE C 440 28.19 6.53 -4.36
C ILE C 440 29.08 7.62 -3.81
N GLU C 441 30.39 7.36 -3.79
CA GLU C 441 31.36 8.33 -3.29
C GLU C 441 31.32 9.60 -4.14
N ARG C 442 31.22 9.44 -5.45
CA ARG C 442 31.17 10.58 -6.35
C ARG C 442 29.87 11.34 -6.14
N TYR C 443 28.79 10.61 -5.89
CA TYR C 443 27.50 11.22 -5.65
C TYR C 443 27.53 12.14 -4.43
N PHE C 444 28.13 11.66 -3.35
CA PHE C 444 28.23 12.44 -2.12
C PHE C 444 29.06 13.71 -2.31
N GLU C 445 30.04 13.65 -3.20
CA GLU C 445 30.86 14.84 -3.46
C GLU C 445 30.01 15.88 -4.15
N SER C 446 29.06 15.44 -4.98
CA SER C 446 28.19 16.35 -5.71
C SER C 446 27.02 16.78 -4.85
N PHE C 447 26.63 15.91 -3.92
CA PHE C 447 25.50 16.20 -3.01
C PHE C 447 25.94 15.99 -1.56
N PRO C 448 26.86 16.84 -1.06
CA PRO C 448 27.36 16.74 0.31
C PRO C 448 26.26 16.88 1.38
N GLY C 449 25.18 17.55 1.02
CA GLY C 449 24.07 17.71 1.95
C GLY C 449 23.41 16.37 2.18
N VAL C 450 23.22 15.60 1.11
CA VAL C 450 22.62 14.28 1.23
C VAL C 450 23.53 13.41 2.08
N LYS C 451 24.84 13.56 1.91
CA LYS C 451 25.79 12.79 2.69
C LYS C 451 25.61 13.09 4.18
N ARG C 452 25.63 14.38 4.53
CA ARG C 452 25.48 14.79 5.92
C ARG C 452 24.16 14.26 6.51
N TYR C 453 23.09 14.35 5.73
CA TYR C 453 21.78 13.87 6.17
C TYR C 453 21.83 12.37 6.50
N MET C 454 22.44 11.59 5.61
CA MET C 454 22.55 10.15 5.82
C MET C 454 23.33 9.85 7.09
N GLU C 455 24.43 10.57 7.30
CA GLU C 455 25.24 10.37 8.50
C GLU C 455 24.45 10.82 9.74
N ASN C 456 23.83 11.98 9.66
CA ASN C 456 23.07 12.50 10.79
C ASN C 456 21.85 11.68 11.17
N ILE C 457 21.11 11.20 10.18
CA ILE C 457 19.90 10.42 10.46
C ILE C 457 20.23 9.07 11.10
N VAL C 458 21.34 8.47 10.67
CA VAL C 458 21.77 7.20 11.25
C VAL C 458 22.11 7.42 12.72
N GLN C 459 22.79 8.53 13.00
CA GLN C 459 23.17 8.89 14.36
C GLN C 459 21.92 9.15 15.21
N GLU C 460 20.98 9.88 14.63
CA GLU C 460 19.73 10.19 15.33
C GLU C 460 18.93 8.92 15.67
N ALA C 461 18.87 8.00 14.72
CA ALA C 461 18.15 6.74 14.91
C ALA C 461 18.74 5.99 16.08
N LYS C 462 20.06 6.03 16.17
CA LYS C 462 20.75 5.35 17.25
C LYS C 462 20.48 6.05 18.58
N GLN C 463 20.51 7.38 18.57
CA GLN C 463 20.27 8.17 19.78
C GLN C 463 18.85 8.07 20.31
N LYS C 464 17.88 8.35 19.45
CA LYS C 464 16.48 8.33 19.85
C LYS C 464 15.87 6.94 19.83
N GLY C 465 16.37 6.07 18.96
CA GLY C 465 15.84 4.73 18.86
C GLY C 465 14.85 4.58 17.72
N TYR C 466 14.56 5.68 17.04
CA TYR C 466 13.61 5.69 15.92
C TYR C 466 13.87 6.89 15.02
N VAL C 467 13.25 6.91 13.85
CA VAL C 467 13.34 8.03 12.92
C VAL C 467 11.91 8.47 12.67
N THR C 468 11.74 9.70 12.19
CA THR C 468 10.39 10.22 11.95
C THR C 468 10.24 10.86 10.57
N THR C 469 8.99 11.06 10.16
CA THR C 469 8.66 11.65 8.87
C THR C 469 8.18 13.09 9.11
N LEU C 470 7.93 13.81 8.03
CA LEU C 470 7.47 15.19 8.10
C LEU C 470 6.25 15.40 9.00
N LEU C 471 5.29 14.48 8.95
CA LEU C 471 4.09 14.61 9.76
C LEU C 471 4.15 13.80 11.07
N HIS C 472 5.36 13.44 11.47
CA HIS C 472 5.63 12.73 12.72
C HIS C 472 5.30 11.24 12.81
N ARG C 473 5.28 10.56 11.68
CA ARG C 473 5.06 9.13 11.68
C ARG C 473 6.39 8.60 12.19
N ARG C 474 6.42 7.47 12.87
CA ARG C 474 7.70 6.96 13.34
C ARG C 474 7.92 5.49 13.10
N ARG C 475 9.20 5.14 13.09
CA ARG C 475 9.61 3.75 12.89
C ARG C 475 10.78 3.49 13.81
N TYR C 476 10.64 2.50 14.69
CA TYR C 476 11.71 2.14 15.62
C TYR C 476 12.73 1.29 14.87
N LEU C 477 14.01 1.52 15.15
CA LEU C 477 15.06 0.74 14.49
C LEU C 477 16.05 0.17 15.51
N PRO C 478 15.60 -0.83 16.28
CA PRO C 478 16.46 -1.45 17.29
C PRO C 478 17.72 -2.12 16.73
N ASP C 479 17.69 -2.52 15.46
CA ASP C 479 18.85 -3.18 14.86
C ASP C 479 19.98 -2.22 14.51
N ILE C 480 19.72 -0.93 14.67
CA ILE C 480 20.71 0.08 14.38
C ILE C 480 21.95 -0.09 15.27
N THR C 481 21.78 -0.74 16.42
CA THR C 481 22.90 -0.95 17.35
C THR C 481 23.47 -2.36 17.32
N SER C 482 22.98 -3.20 16.42
CA SER C 482 23.44 -4.58 16.30
C SER C 482 24.93 -4.67 15.97
N ARG C 483 25.60 -5.69 16.49
CA ARG C 483 27.02 -5.88 16.20
C ARG C 483 27.21 -6.75 14.97
N ASN C 484 26.11 -7.14 14.35
CA ASN C 484 26.15 -7.96 13.14
C ASN C 484 26.09 -6.95 11.98
N PHE C 485 27.18 -6.87 11.21
CA PHE C 485 27.27 -5.93 10.11
C PHE C 485 26.07 -5.88 9.17
N ASN C 486 25.64 -7.03 8.68
CA ASN C 486 24.52 -7.06 7.76
C ASN C 486 23.22 -6.59 8.37
N VAL C 487 22.94 -7.04 9.59
CA VAL C 487 21.71 -6.65 10.27
C VAL C 487 21.72 -5.15 10.56
N ARG C 488 22.86 -4.64 11.00
CA ARG C 488 23.00 -3.23 11.31
C ARG C 488 22.89 -2.38 10.04
N SER C 489 23.54 -2.82 8.97
CA SER C 489 23.51 -2.09 7.70
C SER C 489 22.09 -1.90 7.19
N PHE C 490 21.26 -2.92 7.33
CA PHE C 490 19.87 -2.83 6.89
C PHE C 490 19.14 -1.76 7.68
N ALA C 491 19.33 -1.77 8.99
CA ALA C 491 18.68 -0.78 9.85
C ALA C 491 19.12 0.62 9.44
N GLU C 492 20.40 0.76 9.12
CA GLU C 492 20.93 2.06 8.71
C GLU C 492 20.27 2.52 7.41
N ARG C 493 20.02 1.59 6.50
CA ARG C 493 19.37 1.92 5.24
C ARG C 493 17.94 2.40 5.50
N MET C 494 17.28 1.78 6.48
CA MET C 494 15.91 2.14 6.84
C MET C 494 15.84 3.50 7.51
N ALA C 495 16.89 3.84 8.26
CA ALA C 495 16.94 5.12 8.93
C ALA C 495 16.98 6.21 7.88
N MET C 496 17.73 5.96 6.82
CA MET C 496 17.88 6.90 5.72
C MET C 496 16.63 6.96 4.85
N ASN C 497 16.09 5.78 4.54
CA ASN C 497 14.93 5.64 3.67
C ASN C 497 13.53 5.94 4.22
N THR C 498 13.30 5.65 5.50
CA THR C 498 11.96 5.89 6.06
C THR C 498 11.50 7.35 6.04
N PRO C 499 12.39 8.30 6.39
CA PRO C 499 11.97 9.70 6.37
C PRO C 499 11.59 10.13 4.94
N ILE C 500 12.24 9.50 3.96
CA ILE C 500 11.97 9.81 2.55
C ILE C 500 10.65 9.18 2.10
N GLN C 501 10.57 7.85 2.18
CA GLN C 501 9.37 7.13 1.77
C GLN C 501 8.16 7.50 2.63
N GLY C 502 8.38 7.60 3.93
CA GLY C 502 7.32 7.94 4.87
C GLY C 502 6.79 9.34 4.67
N SER C 503 7.67 10.29 4.41
CA SER C 503 7.22 11.67 4.19
C SER C 503 6.41 11.75 2.90
N ALA C 504 6.82 10.99 1.88
CA ALA C 504 6.10 10.99 0.61
C ALA C 504 4.70 10.41 0.83
N ALA C 505 4.61 9.43 1.73
CA ALA C 505 3.32 8.81 2.06
C ALA C 505 2.45 9.83 2.79
N ASP C 506 3.04 10.55 3.74
CA ASP C 506 2.32 11.56 4.51
C ASP C 506 1.70 12.61 3.58
N ILE C 507 2.50 13.09 2.64
CA ILE C 507 2.06 14.11 1.70
C ILE C 507 0.90 13.69 0.82
N ILE C 508 1.01 12.54 0.15
CA ILE C 508 -0.09 12.13 -0.72
C ILE C 508 -1.37 11.86 0.08
N LYS C 509 -1.21 11.42 1.33
CA LYS C 509 -2.37 11.16 2.18
C LYS C 509 -3.09 12.46 2.49
N LYS C 510 -2.34 13.51 2.79
CA LYS C 510 -2.94 14.80 3.08
C LYS C 510 -3.56 15.35 1.80
N ALA C 511 -2.92 15.07 0.66
CA ALA C 511 -3.42 15.53 -0.63
C ALA C 511 -4.81 14.93 -0.89
N MET C 512 -4.98 13.66 -0.52
CA MET C 512 -6.26 12.98 -0.72
C MET C 512 -7.35 13.67 0.10
N ILE C 513 -7.05 13.97 1.36
CA ILE C 513 -8.00 14.64 2.23
C ILE C 513 -8.32 16.03 1.66
N ASP C 514 -7.29 16.79 1.33
CA ASP C 514 -7.47 18.13 0.77
C ASP C 514 -8.30 18.07 -0.52
N LEU C 515 -7.98 17.10 -1.38
CA LEU C 515 -8.69 16.93 -2.64
C LEU C 515 -10.17 16.63 -2.46
N ASN C 516 -10.51 15.71 -1.57
CA ASN C 516 -11.91 15.40 -1.34
C ASN C 516 -12.69 16.61 -0.82
N ALA C 517 -12.03 17.44 -0.03
CA ALA C 517 -12.68 18.63 0.50
C ALA C 517 -12.97 19.59 -0.65
N ARG C 518 -12.03 19.69 -1.58
CA ARG C 518 -12.19 20.57 -2.75
C ARG C 518 -13.25 20.05 -3.71
N LEU C 519 -13.27 18.75 -3.94
CA LEU C 519 -14.27 18.17 -4.84
C LEU C 519 -15.66 18.42 -4.30
N LYS C 520 -15.81 18.34 -2.98
CA LYS C 520 -17.10 18.57 -2.34
C LYS C 520 -17.52 20.05 -2.43
N GLU C 521 -16.59 20.95 -2.16
CA GLU C 521 -16.86 22.39 -2.22
C GLU C 521 -17.33 22.78 -3.62
N GLU C 522 -16.70 22.16 -4.62
CA GLU C 522 -17.02 22.44 -6.02
C GLU C 522 -18.20 21.63 -6.53
N ARG C 523 -18.71 20.73 -5.69
CA ARG C 523 -19.82 19.86 -6.05
C ARG C 523 -19.52 19.09 -7.35
N LEU C 524 -18.29 18.64 -7.50
CA LEU C 524 -17.90 17.88 -8.68
C LEU C 524 -18.31 16.43 -8.43
N GLN C 525 -18.70 15.72 -9.50
CA GLN C 525 -19.08 14.33 -9.36
C GLN C 525 -17.86 13.42 -9.35
N ALA C 526 -16.72 13.99 -9.72
CA ALA C 526 -15.47 13.24 -9.76
C ALA C 526 -15.18 12.62 -8.40
N HIS C 527 -14.59 11.43 -8.41
CA HIS C 527 -14.24 10.79 -7.16
C HIS C 527 -13.01 9.90 -7.29
N LEU C 528 -12.31 9.76 -6.17
CA LEU C 528 -11.12 8.92 -6.11
C LEU C 528 -11.48 7.47 -6.28
N LEU C 529 -10.63 6.75 -7.01
CA LEU C 529 -10.82 5.33 -7.21
C LEU C 529 -9.64 4.58 -6.59
N LEU C 530 -8.43 5.07 -6.86
CA LEU C 530 -7.25 4.41 -6.35
C LEU C 530 -6.11 5.36 -6.01
N GLN C 531 -5.19 4.86 -5.21
CA GLN C 531 -3.98 5.60 -4.84
C GLN C 531 -2.90 4.56 -5.08
N VAL C 532 -1.84 4.95 -5.78
CA VAL C 532 -0.75 4.03 -6.03
C VAL C 532 0.58 4.66 -5.59
N HIS C 533 0.68 4.91 -4.29
CA HIS C 533 1.88 5.45 -3.64
C HIS C 533 2.24 6.90 -3.95
N ASP C 534 2.40 7.24 -5.22
CA ASP C 534 2.73 8.61 -5.59
C ASP C 534 1.76 9.16 -6.64
N GLU C 535 0.63 8.48 -6.81
CA GLU C 535 -0.34 8.94 -7.78
C GLU C 535 -1.78 8.63 -7.35
N LEU C 536 -2.70 9.46 -7.82
CA LEU C 536 -4.11 9.30 -7.53
C LEU C 536 -4.88 9.05 -8.82
N ILE C 537 -5.76 8.06 -8.79
CA ILE C 537 -6.57 7.72 -9.96
C ILE C 537 -8.02 8.02 -9.63
N LEU C 538 -8.67 8.80 -10.51
CA LEU C 538 -10.07 9.17 -10.35
C LEU C 538 -10.85 8.88 -11.62
N GLU C 539 -12.17 9.04 -11.53
CA GLU C 539 -13.04 8.89 -12.70
C GLU C 539 -14.04 10.03 -12.53
N ALA C 540 -14.53 10.56 -13.65
CA ALA C 540 -15.48 11.67 -13.59
C ALA C 540 -16.12 11.90 -14.94
N PRO C 541 -17.22 12.68 -14.96
CA PRO C 541 -17.91 12.97 -16.22
C PRO C 541 -16.88 13.61 -17.15
N LYS C 542 -17.01 13.38 -18.45
CA LYS C 542 -16.08 13.95 -19.40
C LYS C 542 -16.12 15.47 -19.29
N GLU C 543 -17.26 16.01 -18.89
CA GLU C 543 -17.44 17.45 -18.73
C GLU C 543 -16.64 18.06 -17.59
N GLU C 544 -16.05 17.24 -16.73
CA GLU C 544 -15.27 17.75 -15.60
C GLU C 544 -13.76 17.67 -15.79
N MET C 545 -13.32 17.09 -16.92
CA MET C 545 -11.89 16.93 -17.17
C MET C 545 -11.09 18.24 -17.13
N GLU C 546 -11.55 19.26 -17.85
CA GLU C 546 -10.81 20.51 -17.85
C GLU C 546 -10.63 21.08 -16.46
N ARG C 547 -11.69 21.02 -15.64
CA ARG C 547 -11.57 21.53 -14.28
C ARG C 547 -10.63 20.66 -13.45
N LEU C 548 -10.67 19.34 -13.63
CA LEU C 548 -9.80 18.47 -12.86
C LEU C 548 -8.33 18.71 -13.21
N CYS C 549 -8.07 19.02 -14.49
CA CYS C 549 -6.72 19.27 -14.96
C CYS C 549 -6.03 20.38 -14.17
N ARG C 550 -6.83 21.34 -13.70
CA ARG C 550 -6.28 22.44 -12.92
C ARG C 550 -6.37 22.17 -11.43
N LEU C 551 -7.49 21.63 -10.98
CA LEU C 551 -7.70 21.36 -9.55
C LEU C 551 -6.84 20.27 -8.91
N VAL C 552 -6.82 19.08 -9.49
CA VAL C 552 -6.07 17.98 -8.90
C VAL C 552 -4.57 18.26 -8.70
N PRO C 553 -3.86 18.69 -9.76
CA PRO C 553 -2.42 18.97 -9.62
C PRO C 553 -2.15 20.04 -8.55
N GLU C 554 -2.94 21.11 -8.57
CA GLU C 554 -2.77 22.19 -7.61
C GLU C 554 -2.92 21.70 -6.17
N VAL C 555 -3.99 20.94 -5.91
CA VAL C 555 -4.23 20.38 -4.58
C VAL C 555 -3.08 19.47 -4.15
N MET C 556 -2.66 18.59 -5.05
CA MET C 556 -1.56 17.68 -4.74
C MET C 556 -0.25 18.43 -4.54
N GLU C 557 -0.01 19.46 -5.34
CA GLU C 557 1.23 20.23 -5.23
C GLU C 557 1.26 21.12 -3.98
N GLN C 558 0.10 21.55 -3.51
CA GLN C 558 0.04 22.42 -2.34
C GLN C 558 -0.25 21.72 -1.02
N ALA C 559 -0.40 20.40 -1.05
CA ALA C 559 -0.69 19.63 0.17
C ALA C 559 0.25 20.02 1.32
N VAL C 560 1.52 20.19 0.99
CA VAL C 560 2.54 20.59 1.96
C VAL C 560 3.44 21.62 1.28
N THR C 561 4.23 22.36 2.05
CA THR C 561 5.15 23.35 1.49
C THR C 561 6.57 22.95 1.82
N LEU C 562 7.36 22.63 0.80
CA LEU C 562 8.74 22.23 1.01
C LEU C 562 9.72 23.30 0.52
N ARG C 563 11.01 23.10 0.77
CA ARG C 563 12.04 24.04 0.34
C ARG C 563 12.18 24.00 -1.18
N VAL C 564 11.53 23.02 -1.80
CA VAL C 564 11.53 22.89 -3.25
C VAL C 564 10.09 22.71 -3.69
N PRO C 565 9.78 23.04 -4.95
CA PRO C 565 8.40 22.88 -5.42
C PRO C 565 8.03 21.40 -5.54
N LEU C 566 6.73 21.13 -5.53
CA LEU C 566 6.25 19.78 -5.75
C LEU C 566 5.64 19.91 -7.14
N LYS C 567 5.83 18.89 -7.98
CA LYS C 567 5.32 18.91 -9.34
C LYS C 567 4.47 17.67 -9.60
N VAL C 568 3.31 17.88 -10.20
CA VAL C 568 2.37 16.78 -10.50
C VAL C 568 2.01 16.75 -11.99
N ASP C 569 2.18 15.58 -12.61
CA ASP C 569 1.80 15.42 -14.02
C ASP C 569 0.44 14.75 -14.03
N TYR C 570 -0.28 14.88 -15.14
CA TYR C 570 -1.62 14.29 -15.22
C TYR C 570 -2.03 13.92 -16.64
N HIS C 571 -2.93 12.95 -16.74
CA HIS C 571 -3.45 12.46 -18.02
C HIS C 571 -4.85 11.88 -17.79
N TYR C 572 -5.61 11.74 -18.86
CA TYR C 572 -6.95 11.18 -18.74
C TYR C 572 -7.36 10.54 -20.06
N GLY C 573 -8.27 9.56 -19.99
CA GLY C 573 -8.70 8.88 -21.19
C GLY C 573 -9.89 7.97 -20.94
N SER C 574 -10.30 7.22 -21.94
CA SER C 574 -11.46 6.33 -21.82
C SER C 574 -11.20 5.09 -20.98
N THR C 575 -9.93 4.75 -20.77
CA THR C 575 -9.56 3.61 -19.94
C THR C 575 -8.32 4.00 -19.15
N TRP C 576 -7.97 3.18 -18.16
CA TRP C 576 -6.81 3.43 -17.33
C TRP C 576 -5.56 3.49 -18.22
N TYR C 577 -5.49 2.56 -19.16
CA TYR C 577 -4.37 2.51 -20.09
C TYR C 577 -4.21 3.83 -20.83
N ASP C 578 -5.34 4.44 -21.20
CA ASP C 578 -5.32 5.70 -21.94
C ASP C 578 -4.96 6.91 -21.10
N ALA C 579 -5.15 6.80 -19.79
CA ALA C 579 -4.81 7.90 -18.89
C ALA C 579 -3.30 7.84 -18.76
N LYS C 580 -2.64 7.69 -19.91
CA LYS C 580 -1.20 7.57 -20.02
C LYS C 580 -0.42 7.92 -18.76
N AF D . 16.19 -3.14 -1.84
C2 AF D . 16.85 -4.13 -2.71
C3 AF D . 17.64 -5.15 -2.08
C4 AF D . 18.33 -6.14 -2.83
C4A AF D . 18.23 -6.12 -4.27
C4B AF D . 18.77 -6.95 -5.23
C5 AF D . 19.62 -8.10 -5.10
C6 AF D . 20.04 -8.78 -6.28
C7 AF D . 19.63 -8.34 -7.57
C8 AF D . 18.79 -7.20 -7.72
C8A AF D . 18.35 -6.49 -6.55
C9 AF D . 17.45 -5.25 -6.46
C9A AF D . 17.43 -5.09 -4.93
C1 AF D . 16.75 -4.10 -4.14
S SO4 E . 12.60 8.27 -17.20
O1 SO4 E . 12.31 8.82 -18.53
O2 SO4 E . 11.45 7.46 -16.74
O3 SO4 E . 13.81 7.43 -17.26
O4 SO4 E . 12.84 9.37 -16.23
S SO4 F . -17.77 -7.19 35.90
O1 SO4 F . -16.51 -7.33 36.66
O2 SO4 F . -18.16 -5.77 35.88
O3 SO4 F . -17.57 -7.69 34.53
O4 SO4 F . -18.82 -8.00 36.55
S SO4 G . 28.32 -7.96 22.52
O1 SO4 G . 29.23 -7.04 23.23
O2 SO4 G . 28.32 -7.62 21.09
O3 SO4 G . 26.95 -7.82 23.07
O4 SO4 G . 28.79 -9.34 22.71
#